data_7OXY
#
_entry.id   7OXY
#
_cell.length_a   106.668
_cell.length_b   106.668
_cell.length_c   108.791
_cell.angle_alpha   90.000
_cell.angle_beta   90.000
_cell.angle_gamma   120.000
#
_symmetry.space_group_name_H-M   'P 31 2 1'
#
loop_
_entity.id
_entity.type
_entity.pdbx_description
1 polymer Depupylase
2 polymer 'Prokaryotic ubiquitin-like protein Pup'
3 non-polymer 'MAGNESIUM ION'
4 non-polymer 1,2-ETHANEDIOL
5 non-polymer 'PHOSPHOMETHYLPHOSPHONIC ACID ADENYLATE ESTER'
6 non-polymer 'ACETATE ION'
7 non-polymer DI(HYDROXYETHYL)ETHER
8 non-polymer 'TRIETHYLENE GLYCOL'
9 water water
#
loop_
_entity_poly.entity_id
_entity_poly.type
_entity_poly.pdbx_seq_one_letter_code
_entity_poly.pdbx_strand_id
1 'polypeptide(L)'
;MHRVMGIETEYGISVPHQPNANAMAASSQVVNAYAPIGAPAQRQARWDFEEENPLRDARGFEVAREAADPSQLTDEDLGL
ANVILTNGARLYVDHAHPEYSTPEVTNPRDAVLWDKAGERIMAEAARRAADLPMGWTIQLYKNNTDNKGASYGCHENYLM
NRSTPFADIVRHLIPFFVTRQVFCGAGRVGIGADGRGEGFQLSQRADFFEVEVGLETTLKRPIINTRDEPHADPEKYRRL
HVIIGDANMSEIATYLKLGTTALVLAMIEDGFLSQDFSVESPVGALRAVSHDPTLRYQLRLHDGRRLTAVQLQMEYLEQA
RKYVEDRFGTDVDDMTRDVLDRWETTLVRLADDPMQLSRDLDWVAKLSILEGYRQRENLPWSAHKLQLVDLQYHDVRPDR
GLYNRLVARGRMNLLVDEAAVRTAMHEPPNDTRAYFRGRCLAKFGAEIAAASWDSVIFDLPGRDSLQRVPTLEPLRGTRA
HVGDLLDRCRSATELVAALTGGENLYFQ
;
A
2 'polypeptide(L)' DAILDEIDDVLEENAEEFVRSYIQKGGQ B
#
# COMPACT_ATOMS: atom_id res chain seq x y z
N MET A 1 6.24 -8.38 -16.21
CA MET A 1 6.79 -7.31 -15.39
C MET A 1 7.62 -7.92 -14.29
N HIS A 2 8.78 -7.32 -14.00
CA HIS A 2 9.65 -7.84 -12.97
C HIS A 2 10.37 -6.69 -12.29
N ARG A 3 10.00 -6.41 -11.05
CA ARG A 3 10.75 -5.51 -10.19
C ARG A 3 10.37 -5.85 -8.76
N VAL A 4 11.37 -6.03 -7.89
CA VAL A 4 11.07 -6.29 -6.49
C VAL A 4 10.37 -5.10 -5.88
N MET A 5 9.24 -5.36 -5.23
CA MET A 5 8.44 -4.28 -4.66
C MET A 5 7.67 -4.81 -3.46
N GLY A 6 7.08 -3.88 -2.71
CA GLY A 6 6.24 -4.26 -1.57
C GLY A 6 5.45 -3.06 -1.08
N ILE A 7 4.42 -3.33 -0.27
CA ILE A 7 3.55 -2.28 0.27
C ILE A 7 3.51 -2.41 1.79
N GLU A 8 3.72 -1.31 2.50
CA GLU A 8 3.51 -1.26 3.94
C GLU A 8 2.31 -0.39 4.23
N THR A 9 1.35 -0.88 5.02
CA THR A 9 0.12 -0.13 5.28
C THR A 9 -0.12 0.00 6.77
N GLU A 10 -0.18 1.25 7.26
CA GLU A 10 -0.61 1.56 8.61
C GLU A 10 -2.12 1.71 8.63
N TYR A 11 -2.78 0.97 9.54
CA TYR A 11 -4.24 0.96 9.63
C TYR A 11 -4.72 1.90 10.72
N GLY A 12 -5.80 2.62 10.45
CA GLY A 12 -6.45 3.37 11.50
C GLY A 12 -7.12 2.42 12.47
N ILE A 13 -7.21 2.83 13.74
CA ILE A 13 -7.66 1.89 14.77
C ILE A 13 -8.52 2.63 15.79
N SER A 14 -9.71 2.09 16.03
CA SER A 14 -10.73 2.72 16.87
C SER A 14 -11.23 1.69 17.87
N VAL A 15 -11.35 2.09 19.14
CA VAL A 15 -11.91 1.22 20.17
C VAL A 15 -12.99 1.99 20.92
N PRO A 16 -14.19 2.12 20.35
CA PRO A 16 -15.25 2.96 20.96
C PRO A 16 -15.71 2.40 22.30
N HIS A 17 -16.06 3.31 23.21
CA HIS A 17 -16.72 2.95 24.48
C HIS A 17 -15.82 2.06 25.35
N GLN A 18 -14.52 2.30 25.29
CA GLN A 18 -13.52 1.68 26.15
C GLN A 18 -12.64 2.80 26.66
N PRO A 19 -13.13 3.57 27.62
CA PRO A 19 -12.45 4.82 28.00
C PRO A 19 -11.06 4.61 28.58
N ASN A 20 -10.67 3.35 28.81
CA ASN A 20 -9.35 3.06 29.35
C ASN A 20 -8.49 2.21 28.41
N ALA A 21 -8.87 2.14 27.14
CA ALA A 21 -8.00 1.60 26.11
C ALA A 21 -7.08 2.70 25.58
N ASN A 22 -5.90 2.32 25.08
CA ASN A 22 -5.04 3.24 24.35
C ASN A 22 -4.64 2.59 23.04
N ALA A 23 -4.22 3.43 22.09
CA ALA A 23 -3.97 2.95 20.73
C ALA A 23 -2.86 1.90 20.72
N MET A 24 -1.83 2.09 21.56
CA MET A 24 -0.74 1.13 21.60
C MET A 24 -1.21 -0.22 22.11
N ALA A 25 -2.03 -0.24 23.16
CA ALA A 25 -2.54 -1.53 23.66
C ALA A 25 -3.44 -2.18 22.62
N ALA A 26 -4.33 -1.39 22.01
CA ALA A 26 -5.24 -1.94 21.02
C ALA A 26 -4.49 -2.48 19.81
N SER A 27 -3.47 -1.75 19.34
CA SER A 27 -2.67 -2.21 18.21
C SER A 27 -1.93 -3.50 18.58
N SER A 28 -1.39 -3.57 19.80
CA SER A 28 -0.75 -4.79 20.26
C SER A 28 -1.71 -5.96 20.31
N GLN A 29 -2.95 -5.72 20.77
CA GLN A 29 -3.93 -6.81 20.80
C GLN A 29 -4.17 -7.37 19.40
N VAL A 30 -4.27 -6.48 18.41
CA VAL A 30 -4.48 -6.93 17.03
C VAL A 30 -3.31 -7.81 16.58
N VAL A 31 -2.08 -7.34 16.76
CA VAL A 31 -0.92 -8.10 16.32
C VAL A 31 -0.81 -9.40 17.10
N ASN A 32 -0.94 -9.32 18.44
CA ASN A 32 -0.71 -10.49 19.29
C ASN A 32 -1.83 -11.51 19.19
N ALA A 33 -3.07 -11.09 18.89
CA ALA A 33 -4.19 -12.02 18.79
C ALA A 33 -4.19 -12.80 17.48
N TYR A 34 -3.57 -12.25 16.45
CA TYR A 34 -3.36 -13.02 15.23
C TYR A 34 -2.21 -14.00 15.44
N ALA A 35 -1.03 -13.48 15.77
CA ALA A 35 0.17 -14.28 15.94
C ALA A 35 1.20 -13.54 16.79
N GLN A 44 3.75 -16.18 16.34
CA GLN A 44 4.72 -16.54 15.31
C GLN A 44 6.07 -15.99 15.62
N ALA A 45 6.95 -15.96 14.64
CA ALA A 45 8.30 -15.53 14.88
C ALA A 45 8.51 -14.09 15.13
N ARG A 46 9.41 -13.82 16.05
CA ARG A 46 9.74 -12.46 16.33
C ARG A 46 10.54 -11.78 15.24
N TRP A 47 10.38 -10.49 15.14
CA TRP A 47 11.20 -9.73 14.22
C TRP A 47 12.58 -9.61 14.78
N ASP A 48 13.57 -9.72 13.94
CA ASP A 48 14.97 -9.59 14.34
C ASP A 48 15.37 -8.12 14.24
N PHE A 49 15.45 -7.45 15.39
CA PHE A 49 15.86 -6.05 15.43
C PHE A 49 17.36 -5.86 15.20
N GLU A 50 18.16 -6.89 15.46
CA GLU A 50 19.61 -6.80 15.33
C GLU A 50 20.06 -6.97 13.88
N LEU A 78 10.49 0.48 23.79
CA LEU A 78 10.30 -0.97 23.83
C LEU A 78 10.41 -1.62 22.46
N GLY A 79 10.60 -2.94 22.47
CA GLY A 79 10.38 -3.77 21.30
C GLY A 79 8.95 -4.26 21.32
N LEU A 80 8.09 -3.61 20.53
CA LEU A 80 6.65 -3.79 20.59
C LEU A 80 6.26 -5.12 19.94
N ALA A 81 4.95 -5.39 19.89
CA ALA A 81 4.45 -6.57 19.19
C ALA A 81 4.86 -6.48 17.73
N ASN A 82 5.52 -7.53 17.23
CA ASN A 82 6.33 -7.39 16.03
C ASN A 82 6.70 -8.76 15.50
N VAL A 83 5.97 -9.27 14.51
CA VAL A 83 6.06 -10.68 14.13
C VAL A 83 6.17 -10.83 12.61
N ILE A 84 6.67 -12.00 12.21
CA ILE A 84 6.78 -12.39 10.80
C ILE A 84 5.78 -13.52 10.57
N LEU A 85 5.02 -13.45 9.48
CA LEU A 85 3.99 -14.43 9.19
C LEU A 85 4.48 -15.50 8.21
N THR A 86 3.72 -16.60 8.10
CA THR A 86 4.12 -17.70 7.23
C THR A 86 3.98 -17.34 5.75
N ASN A 87 3.33 -16.22 5.41
CA ASN A 87 3.36 -15.77 4.02
C ASN A 87 4.54 -14.83 3.74
N GLY A 88 5.45 -14.68 4.68
CA GLY A 88 6.59 -13.80 4.51
C GLY A 88 6.36 -12.34 4.88
N ALA A 89 5.15 -11.98 5.33
CA ALA A 89 4.82 -10.60 5.67
C ALA A 89 5.25 -10.24 7.10
N ARG A 90 5.30 -8.92 7.36
CA ARG A 90 5.47 -8.36 8.70
C ARG A 90 4.12 -7.91 9.22
N LEU A 91 3.84 -8.20 10.49
CA LEU A 91 2.69 -7.63 11.17
C LEU A 91 3.21 -7.03 12.47
N TYR A 92 3.04 -5.73 12.65
CA TYR A 92 3.66 -5.13 13.83
C TYR A 92 3.00 -3.83 14.23
N VAL A 93 3.39 -3.32 15.39
CA VAL A 93 2.89 -2.07 15.91
C VAL A 93 3.90 -0.98 15.59
N ASP A 94 3.48 0.01 14.82
CA ASP A 94 4.34 1.13 14.48
C ASP A 94 3.78 2.33 15.22
N HIS A 95 4.32 2.55 16.42
CA HIS A 95 3.80 3.54 17.37
C HIS A 95 2.34 3.22 17.65
N ALA A 96 1.41 3.99 17.12
CA ALA A 96 0.02 3.88 17.55
C ALA A 96 -0.88 3.23 16.50
N HIS A 97 -0.31 2.47 15.56
CA HIS A 97 -1.11 1.82 14.53
C HIS A 97 -0.62 0.41 14.32
N PRO A 98 -1.51 -0.53 14.08
CA PRO A 98 -1.05 -1.82 13.54
C PRO A 98 -0.66 -1.64 12.09
N GLU A 99 0.41 -2.31 11.68
CA GLU A 99 0.95 -2.17 10.33
C GLU A 99 1.20 -3.53 9.72
N TYR A 100 0.90 -3.65 8.43
CA TYR A 100 1.17 -4.87 7.68
C TYR A 100 2.09 -4.53 6.53
N SER A 101 3.16 -5.30 6.36
CA SER A 101 4.08 -5.13 5.24
C SER A 101 4.09 -6.40 4.41
N THR A 102 3.78 -6.26 3.11
CA THR A 102 3.76 -7.45 2.25
C THR A 102 5.14 -8.11 2.23
N PRO A 103 5.18 -9.41 1.95
CA PRO A 103 6.45 -10.00 1.48
C PRO A 103 6.91 -9.28 0.23
N GLU A 104 8.20 -9.43 -0.06
CA GLU A 104 8.73 -8.97 -1.33
C GLU A 104 8.06 -9.73 -2.46
N VAL A 105 7.55 -8.98 -3.45
CA VAL A 105 6.94 -9.57 -4.65
C VAL A 105 7.66 -9.00 -5.88
N THR A 106 7.37 -9.56 -7.05
CA THR A 106 8.07 -9.16 -8.26
C THR A 106 7.20 -8.44 -9.28
N ASN A 107 5.94 -8.18 -9.00
CA ASN A 107 5.05 -7.60 -10.01
C ASN A 107 3.80 -7.06 -9.33
N PRO A 108 3.06 -6.16 -10.00
CA PRO A 108 1.95 -5.47 -9.32
C PRO A 108 0.74 -6.34 -9.04
N ARG A 109 0.51 -7.42 -9.79
CA ARG A 109 -0.59 -8.31 -9.44
CA ARG A 109 -0.60 -8.30 -9.44
C ARG A 109 -0.33 -8.98 -8.11
N ASP A 110 0.90 -9.45 -7.90
CA ASP A 110 1.23 -10.10 -6.63
C ASP A 110 1.23 -9.09 -5.50
N ALA A 111 1.66 -7.85 -5.76
CA ALA A 111 1.53 -6.81 -4.74
C ALA A 111 0.07 -6.66 -4.29
N VAL A 112 -0.86 -6.58 -5.26
CA VAL A 112 -2.28 -6.52 -4.93
C VAL A 112 -2.69 -7.72 -4.08
N LEU A 113 -2.26 -8.92 -4.49
CA LEU A 113 -2.73 -10.15 -3.86
C LEU A 113 -2.30 -10.20 -2.39
N TRP A 114 -1.01 -10.02 -2.14
CA TRP A 114 -0.55 -10.10 -0.75
C TRP A 114 -0.93 -8.86 0.06
N ASP A 115 -1.17 -7.71 -0.59
CA ASP A 115 -1.70 -6.57 0.16
C ASP A 115 -3.15 -6.81 0.57
N LYS A 116 -3.95 -7.39 -0.32
CA LYS A 116 -5.33 -7.72 0.05
C LYS A 116 -5.36 -8.78 1.14
N ALA A 117 -4.43 -9.74 1.10
CA ALA A 117 -4.31 -10.70 2.19
C ALA A 117 -4.10 -9.99 3.51
N GLY A 118 -3.37 -8.87 3.49
CA GLY A 118 -3.18 -8.07 4.71
C GLY A 118 -4.48 -7.54 5.27
N GLU A 119 -5.39 -7.11 4.41
CA GLU A 119 -6.70 -6.66 4.88
C GLU A 119 -7.44 -7.78 5.57
N ARG A 120 -7.38 -8.98 5.00
CA ARG A 120 -8.04 -10.13 5.61
C ARG A 120 -7.39 -10.49 6.93
N ILE A 121 -6.06 -10.40 6.99
CA ILE A 121 -5.35 -10.67 8.24
C ILE A 121 -5.75 -9.66 9.31
N MET A 122 -5.81 -8.38 8.95
CA MET A 122 -6.23 -7.37 9.92
C MET A 122 -7.65 -7.63 10.42
N ALA A 123 -8.55 -8.00 9.51
CA ALA A 123 -9.94 -8.20 9.92
C ALA A 123 -10.05 -9.39 10.87
N GLU A 124 -9.33 -10.47 10.55
CA GLU A 124 -9.32 -11.65 11.40
C GLU A 124 -8.64 -11.36 12.73
N ALA A 125 -7.56 -10.59 12.71
CA ALA A 125 -6.85 -10.27 13.96
C ALA A 125 -7.76 -9.50 14.90
N ALA A 126 -8.51 -8.54 14.38
CA ALA A 126 -9.44 -7.80 15.21
C ALA A 126 -10.53 -8.70 15.74
N ARG A 127 -11.02 -9.65 14.92
CA ARG A 127 -12.02 -10.57 15.45
C ARG A 127 -11.44 -11.43 16.56
N ARG A 128 -10.19 -11.87 16.41
CA ARG A 128 -9.57 -12.68 17.46
C ARG A 128 -9.32 -11.85 18.72
N ALA A 129 -8.99 -10.57 18.57
CA ALA A 129 -8.77 -9.71 19.73
C ALA A 129 -10.03 -9.58 20.57
N ALA A 130 -11.20 -9.66 19.96
CA ALA A 130 -12.44 -9.56 20.70
C ALA A 130 -12.62 -10.72 21.68
N ASP A 131 -11.89 -11.83 21.48
CA ASP A 131 -11.94 -12.99 22.36
C ASP A 131 -10.87 -12.98 23.44
N LEU A 132 -9.95 -12.00 23.43
CA LEU A 132 -8.99 -11.86 24.51
C LEU A 132 -9.73 -11.50 25.80
N PRO A 133 -9.10 -11.70 26.96
CA PRO A 133 -9.80 -11.38 28.23
C PRO A 133 -10.33 -9.96 28.32
N MET A 134 -9.65 -8.98 27.70
CA MET A 134 -10.06 -7.59 27.75
C MET A 134 -11.39 -7.36 27.03
N GLY A 135 -11.68 -8.15 26.00
CA GLY A 135 -12.96 -8.10 25.31
C GLY A 135 -13.24 -6.84 24.50
N TRP A 136 -12.20 -6.23 23.93
CA TRP A 136 -12.40 -4.97 23.22
C TRP A 136 -12.90 -5.24 21.80
N THR A 137 -13.89 -4.43 21.38
CA THR A 137 -14.34 -4.41 19.99
C THR A 137 -13.46 -3.39 19.26
N ILE A 138 -12.59 -3.88 18.37
CA ILE A 138 -11.59 -3.06 17.71
C ILE A 138 -11.96 -2.92 16.24
N GLN A 139 -12.03 -1.67 15.77
CA GLN A 139 -12.34 -1.37 14.36
C GLN A 139 -11.07 -0.93 13.68
N LEU A 140 -10.86 -1.38 12.44
CA LEU A 140 -9.65 -1.07 11.69
C LEU A 140 -10.03 -0.49 10.35
N TYR A 141 -9.26 0.50 9.89
CA TYR A 141 -9.57 1.28 8.69
C TYR A 141 -8.36 1.34 7.80
N LYS A 142 -8.50 0.88 6.56
CA LYS A 142 -7.40 0.95 5.60
C LYS A 142 -7.41 2.29 4.87
N ASN A 143 -7.20 3.36 5.62
CA ASN A 143 -7.23 4.71 5.07
C ASN A 143 -6.00 5.46 5.58
N ASN A 144 -6.01 6.79 5.47
CA ASN A 144 -4.84 7.57 5.80
C ASN A 144 -5.05 8.80 6.68
N THR A 145 -6.26 9.07 7.15
CA THR A 145 -6.42 10.27 7.97
C THR A 145 -7.67 10.17 8.84
N ASP A 146 -7.67 10.93 9.93
CA ASP A 146 -8.87 11.06 10.74
C ASP A 146 -9.69 12.30 10.39
N ASN A 147 -9.29 13.06 9.37
CA ASN A 147 -9.98 14.25 8.88
C ASN A 147 -9.92 15.37 9.91
N LYS A 148 -9.02 15.24 10.89
CA LYS A 148 -8.87 16.21 11.97
C LYS A 148 -7.41 16.63 12.13
N GLY A 149 -6.58 16.39 11.14
CA GLY A 149 -5.20 16.84 11.17
C GLY A 149 -4.17 15.74 11.36
N ALA A 150 -4.58 14.49 11.56
CA ALA A 150 -3.63 13.39 11.71
C ALA A 150 -3.60 12.56 10.43
N SER A 151 -2.40 12.14 10.01
CA SER A 151 -2.27 11.27 8.85
C SER A 151 -1.34 10.11 9.18
N TYR A 152 -1.57 8.98 8.51
CA TYR A 152 -0.75 7.78 8.65
C TYR A 152 -0.63 7.16 7.26
N GLY A 153 0.32 6.26 7.08
CA GLY A 153 0.93 6.05 5.77
C GLY A 153 0.66 4.70 5.13
N CYS A 154 0.62 4.72 3.80
CA CYS A 154 0.67 3.51 3.01
C CYS A 154 1.87 3.68 2.07
N HIS A 155 2.97 2.99 2.37
CA HIS A 155 4.22 3.21 1.68
C HIS A 155 4.44 2.16 0.60
N GLU A 156 4.99 2.58 -0.54
CA GLU A 156 5.39 1.64 -1.57
C GLU A 156 6.90 1.56 -1.61
N ASN A 157 7.42 0.36 -1.85
CA ASN A 157 8.86 0.18 -1.91
C ASN A 157 9.23 -0.47 -3.24
N TYR A 158 10.27 0.05 -3.88
CA TYR A 158 10.74 -0.45 -5.17
C TYR A 158 12.24 -0.61 -5.16
N LEU A 159 12.72 -1.78 -5.58
CA LEU A 159 14.15 -2.00 -5.72
C LEU A 159 14.63 -1.43 -7.04
N MET A 160 15.73 -0.68 -6.99
CA MET A 160 16.28 0.04 -8.13
C MET A 160 17.78 -0.19 -8.22
N ASN A 161 18.35 0.07 -9.40
CA ASN A 161 19.81 0.10 -9.53
C ASN A 161 20.41 1.19 -8.66
N ARG A 162 21.46 0.85 -7.90
CA ARG A 162 22.21 1.88 -7.18
CA ARG A 162 22.23 1.87 -7.17
C ARG A 162 22.79 2.93 -8.11
N SER A 163 23.13 2.55 -9.35
CA SER A 163 23.78 3.47 -10.27
CA SER A 163 23.77 3.47 -10.27
C SER A 163 22.86 4.59 -10.78
N THR A 164 21.54 4.42 -10.68
CA THR A 164 20.64 5.45 -11.19
C THR A 164 20.83 6.76 -10.44
N PRO A 165 21.16 7.87 -11.11
CA PRO A 165 21.45 9.12 -10.38
C PRO A 165 20.18 9.66 -9.73
N PHE A 166 20.31 10.04 -8.47
CA PHE A 166 19.13 10.43 -7.71
C PHE A 166 18.48 11.70 -8.25
N ALA A 167 19.25 12.62 -8.84
CA ALA A 167 18.62 13.82 -9.37
C ALA A 167 17.61 13.49 -10.46
N ASP A 168 17.85 12.42 -11.24
CA ASP A 168 16.91 11.99 -12.27
C ASP A 168 15.67 11.37 -11.64
N ILE A 169 15.85 10.60 -10.58
CA ILE A 169 14.71 10.05 -9.85
C ILE A 169 13.80 11.16 -9.36
N VAL A 170 14.39 12.20 -8.75
CA VAL A 170 13.61 13.33 -8.26
C VAL A 170 12.91 14.06 -9.40
N ARG A 171 13.65 14.44 -10.45
CA ARG A 171 13.05 15.34 -11.42
CA ARG A 171 13.10 15.32 -11.47
C ARG A 171 11.96 14.66 -12.23
N HIS A 172 12.07 13.35 -12.48
CA HIS A 172 11.03 12.67 -13.24
C HIS A 172 9.91 12.14 -12.37
N LEU A 173 10.15 11.85 -11.09
CA LEU A 173 9.05 11.33 -10.29
C LEU A 173 8.15 12.41 -9.70
N ILE A 174 8.67 13.61 -9.39
CA ILE A 174 7.80 14.61 -8.76
C ILE A 174 6.58 14.90 -9.59
N PRO A 175 6.66 15.19 -10.90
CA PRO A 175 5.44 15.46 -11.67
C PRO A 175 4.54 14.25 -11.82
N PHE A 176 5.11 13.05 -11.87
CA PHE A 176 4.31 11.84 -11.89
C PHE A 176 3.53 11.67 -10.60
N PHE A 177 4.17 11.90 -9.44
CA PHE A 177 3.50 11.75 -8.14
C PHE A 177 2.48 12.85 -7.90
N VAL A 178 2.73 14.06 -8.42
CA VAL A 178 1.77 15.16 -8.28
C VAL A 178 0.46 14.80 -8.97
N THR A 179 0.52 14.03 -10.05
CA THR A 179 -0.65 13.78 -10.89
C THR A 179 -1.23 12.37 -10.80
N ARG A 180 -0.52 11.38 -10.27
CA ARG A 180 -1.07 10.04 -10.36
C ARG A 180 -2.31 9.87 -9.47
N GLN A 181 -2.54 10.78 -8.52
CA GLN A 181 -3.77 10.72 -7.72
C GLN A 181 -5.03 10.77 -8.56
N VAL A 182 -4.97 11.19 -9.84
CA VAL A 182 -6.22 11.16 -10.61
C VAL A 182 -6.75 9.75 -10.78
N PHE A 183 -5.90 8.72 -10.71
CA PHE A 183 -6.42 7.36 -10.60
C PHE A 183 -6.08 6.66 -9.28
N CYS A 184 -5.07 7.14 -8.53
CA CYS A 184 -4.65 6.55 -7.27
C CYS A 184 -5.44 7.04 -6.05
N GLY A 185 -6.12 8.19 -6.15
CA GLY A 185 -6.67 8.83 -4.97
C GLY A 185 -7.80 8.00 -4.36
N ALA A 186 -7.88 8.00 -3.03
CA ALA A 186 -8.96 7.28 -2.36
C ALA A 186 -10.14 8.17 -2.02
N GLY A 187 -10.04 9.47 -2.25
CA GLY A 187 -11.09 10.44 -1.98
C GLY A 187 -11.11 10.88 -0.53
N ARG A 188 -11.53 12.12 -0.30
CA ARG A 188 -11.61 12.64 1.05
C ARG A 188 -12.64 13.76 1.11
N VAL A 189 -13.45 13.75 2.19
CA VAL A 189 -14.40 14.83 2.47
C VAL A 189 -13.74 15.80 3.44
N GLY A 190 -13.55 17.05 3.02
CA GLY A 190 -12.87 18.04 3.83
C GLY A 190 -11.59 18.52 3.16
N ILE A 191 -11.34 19.83 3.21
CA ILE A 191 -10.24 20.47 2.49
C ILE A 191 -9.31 21.12 3.50
N GLY A 192 -8.01 20.89 3.34
CA GLY A 192 -7.04 21.32 4.33
C GLY A 192 -6.71 20.22 5.30
N ALA A 193 -5.48 20.27 5.84
CA ALA A 193 -5.06 19.22 6.78
C ALA A 193 -6.03 19.10 7.94
N ASP A 194 -6.50 20.23 8.46
CA ASP A 194 -7.41 20.22 9.61
C ASP A 194 -8.86 19.96 9.22
N GLY A 195 -9.16 19.82 7.93
CA GLY A 195 -10.51 19.50 7.49
C GLY A 195 -11.51 20.63 7.57
N ARG A 196 -11.06 21.86 7.81
CA ARG A 196 -11.99 22.97 8.02
C ARG A 196 -12.65 23.43 6.72
N GLY A 197 -11.98 23.26 5.58
CA GLY A 197 -12.56 23.66 4.31
C GLY A 197 -13.62 22.69 3.84
N GLU A 198 -14.65 23.22 3.20
CA GLU A 198 -15.78 22.41 2.76
C GLU A 198 -15.53 21.90 1.35
N GLY A 199 -15.81 20.61 1.14
CA GLY A 199 -15.71 20.06 -0.20
C GLY A 199 -15.08 18.68 -0.27
N PHE A 200 -14.97 18.15 -1.49
CA PHE A 200 -14.42 16.83 -1.74
C PHE A 200 -13.10 16.95 -2.50
N GLN A 201 -12.14 16.09 -2.21
CA GLN A 201 -10.88 16.12 -2.93
C GLN A 201 -10.43 14.69 -3.26
N LEU A 202 -9.47 14.59 -4.18
CA LEU A 202 -9.09 13.29 -4.74
C LEU A 202 -8.32 12.44 -3.74
N SER A 203 -7.49 13.05 -2.91
CA SER A 203 -6.56 12.25 -2.12
C SER A 203 -6.61 12.66 -0.65
N GLN A 204 -6.41 11.66 0.20
CA GLN A 204 -6.28 11.91 1.63
C GLN A 204 -4.92 12.49 2.00
N ARG A 205 -3.87 12.11 1.28
CA ARG A 205 -2.52 12.48 1.69
C ARG A 205 -2.10 13.89 1.25
N ALA A 206 -2.71 14.46 0.21
CA ALA A 206 -2.12 15.64 -0.44
C ALA A 206 -1.93 16.81 0.53
N ASP A 207 -2.91 17.06 1.42
CA ASP A 207 -2.81 18.21 2.32
C ASP A 207 -1.70 18.10 3.35
N PHE A 208 -1.11 16.91 3.51
CA PHE A 208 -0.06 16.69 4.48
C PHE A 208 1.33 16.79 3.89
N PHE A 209 1.47 17.04 2.60
CA PHE A 209 2.77 17.14 1.98
C PHE A 209 3.16 18.60 1.84
N GLU A 210 4.39 18.91 2.25
CA GLU A 210 4.82 20.28 2.45
C GLU A 210 6.12 20.65 1.75
N VAL A 211 6.95 19.69 1.35
CA VAL A 211 8.23 19.97 0.71
C VAL A 211 8.46 19.00 -0.43
N GLU A 212 9.47 19.28 -1.25
CA GLU A 212 9.71 18.45 -2.42
C GLU A 212 10.51 17.19 -2.10
N VAL A 213 11.57 17.30 -1.30
CA VAL A 213 12.53 16.22 -1.09
C VAL A 213 12.95 16.22 0.38
N GLY A 214 13.05 15.05 1.00
CA GLY A 214 13.51 15.04 2.38
C GLY A 214 13.43 13.66 2.99
N LEU A 215 13.84 13.61 4.27
CA LEU A 215 13.89 12.36 5.02
C LEU A 215 12.60 12.07 5.80
N GLU A 216 11.77 13.08 6.04
CA GLU A 216 10.66 12.95 6.98
C GLU A 216 9.59 12.00 6.48
N THR A 217 8.93 11.30 7.42
CA THR A 217 7.69 10.58 7.10
C THR A 217 6.50 10.99 7.96
N THR A 218 6.68 11.75 9.06
CA THR A 218 5.57 12.04 9.96
C THR A 218 5.15 13.50 10.02
N LEU A 219 5.96 14.41 9.49
CA LEU A 219 5.70 15.84 9.51
C LEU A 219 6.49 16.44 8.36
N LYS A 220 6.10 17.65 7.94
CA LYS A 220 6.77 18.32 6.81
C LYS A 220 7.06 17.34 5.68
N ARG A 221 6.04 16.57 5.31
CA ARG A 221 6.32 15.39 4.50
C ARG A 221 6.77 15.77 3.09
N PRO A 222 7.77 15.06 2.55
CA PRO A 222 8.27 15.33 1.20
C PRO A 222 7.62 14.48 0.12
N ILE A 223 7.41 15.09 -1.06
CA ILE A 223 6.93 14.32 -2.21
C ILE A 223 7.88 13.16 -2.52
N ILE A 224 9.19 13.39 -2.48
CA ILE A 224 10.19 12.35 -2.64
C ILE A 224 10.87 12.15 -1.29
N ASN A 225 10.65 10.99 -0.68
CA ASN A 225 11.40 10.62 0.52
C ASN A 225 12.75 10.01 0.13
N THR A 226 13.81 10.36 0.87
CA THR A 226 15.17 10.02 0.45
C THR A 226 15.82 8.88 1.25
N ARG A 227 15.11 8.25 2.17
CA ARG A 227 15.68 7.13 2.90
C ARG A 227 16.03 5.99 1.95
N ASP A 228 17.22 5.39 2.14
CA ASP A 228 17.71 4.32 1.26
C ASP A 228 18.24 3.17 2.12
N GLU A 229 17.35 2.27 2.50
CA GLU A 229 17.63 1.15 3.40
C GLU A 229 17.17 -0.12 2.70
N PRO A 230 17.99 -0.67 1.80
CA PRO A 230 17.51 -1.72 0.90
C PRO A 230 17.40 -3.12 1.48
N HIS A 231 17.95 -3.40 2.66
CA HIS A 231 17.95 -4.77 3.19
C HIS A 231 18.49 -5.76 2.16
N ALA A 232 19.45 -5.30 1.39
CA ALA A 232 20.07 -6.05 0.31
C ALA A 232 21.42 -5.38 0.06
N ASP A 233 22.17 -5.90 -0.91
CA ASP A 233 23.50 -5.40 -1.22
C ASP A 233 23.46 -3.94 -1.68
N PRO A 234 23.92 -3.01 -0.84
CA PRO A 234 23.84 -1.59 -1.22
C PRO A 234 24.81 -1.19 -2.32
N GLU A 235 25.81 -2.03 -2.64
CA GLU A 235 26.61 -1.77 -3.82
C GLU A 235 25.85 -2.05 -5.11
N LYS A 236 24.77 -2.82 -5.05
CA LYS A 236 23.93 -3.13 -6.20
C LYS A 236 22.62 -2.35 -6.22
N TYR A 237 22.02 -2.13 -5.05
CA TYR A 237 20.60 -1.78 -5.00
C TYR A 237 20.32 -0.53 -4.18
N ARG A 238 19.36 0.25 -4.66
CA ARG A 238 18.67 1.27 -3.89
C ARG A 238 17.25 0.79 -3.62
N ARG A 239 16.74 1.03 -2.42
CA ARG A 239 15.31 0.85 -2.19
C ARG A 239 14.66 2.22 -2.21
N LEU A 240 13.79 2.48 -3.19
CA LEU A 240 13.00 3.71 -3.24
C LEU A 240 11.80 3.56 -2.31
N HIS A 241 11.69 4.49 -1.38
CA HIS A 241 10.68 4.50 -0.32
C HIS A 241 9.68 5.60 -0.65
N VAL A 242 8.51 5.22 -1.19
CA VAL A 242 7.49 6.16 -1.64
C VAL A 242 6.44 6.25 -0.54
N ILE A 243 6.10 7.47 -0.13
CA ILE A 243 5.19 7.67 0.99
C ILE A 243 3.95 8.48 0.62
N ILE A 244 3.80 8.90 -0.64
CA ILE A 244 2.76 9.87 -0.95
C ILE A 244 1.42 9.24 -1.28
N GLY A 245 1.35 7.92 -1.48
CA GLY A 245 0.10 7.31 -1.94
C GLY A 245 -0.93 7.10 -0.84
N ASP A 246 -2.20 7.27 -1.19
CA ASP A 246 -3.29 6.80 -0.34
C ASP A 246 -3.32 5.26 -0.33
N ALA A 247 -3.72 4.69 0.80
CA ALA A 247 -4.11 3.29 0.79
C ALA A 247 -5.35 3.13 -0.09
N ASN A 248 -5.35 2.09 -0.91
CA ASN A 248 -6.47 1.82 -1.81
C ASN A 248 -7.20 0.56 -1.38
N MET A 249 -8.54 0.61 -1.47
CA MET A 249 -9.33 -0.62 -1.34
C MET A 249 -9.42 -1.32 -2.69
N SER A 250 -9.78 -0.57 -3.72
CA SER A 250 -9.89 -1.11 -5.08
C SER A 250 -8.60 -1.79 -5.54
N GLU A 251 -8.74 -3.04 -6.00
CA GLU A 251 -7.59 -3.77 -6.53
C GLU A 251 -7.09 -3.17 -7.84
N ILE A 252 -8.00 -2.58 -8.61
CA ILE A 252 -7.57 -1.92 -9.85
C ILE A 252 -6.71 -0.71 -9.53
N ALA A 253 -7.11 0.07 -8.53
CA ALA A 253 -6.31 1.22 -8.12
C ALA A 253 -4.95 0.79 -7.61
N THR A 254 -4.88 -0.23 -6.75
CA THR A 254 -3.57 -0.62 -6.24
C THR A 254 -2.68 -1.14 -7.37
N TYR A 255 -3.25 -1.93 -8.27
CA TYR A 255 -2.53 -2.46 -9.43
C TYR A 255 -1.94 -1.34 -10.28
N LEU A 256 -2.77 -0.33 -10.60
CA LEU A 256 -2.29 0.80 -11.40
C LEU A 256 -1.22 1.60 -10.65
N LYS A 257 -1.44 1.84 -9.36
CA LYS A 257 -0.46 2.58 -8.57
C LYS A 257 0.93 1.93 -8.63
N LEU A 258 1.00 0.63 -8.33
CA LEU A 258 2.31 -0.03 -8.32
C LEU A 258 2.82 -0.26 -9.74
N GLY A 259 1.93 -0.62 -10.67
CA GLY A 259 2.39 -0.99 -12.00
C GLY A 259 2.84 0.18 -12.84
N THR A 260 2.07 1.28 -12.83
CA THR A 260 2.51 2.47 -13.56
C THR A 260 3.79 3.04 -12.97
N THR A 261 3.89 3.08 -11.64
CA THR A 261 5.11 3.60 -11.04
C THR A 261 6.31 2.76 -11.45
N ALA A 262 6.16 1.43 -11.46
CA ALA A 262 7.26 0.56 -11.87
C ALA A 262 7.68 0.83 -13.32
N LEU A 263 6.71 1.10 -14.20
CA LEU A 263 7.06 1.42 -15.59
C LEU A 263 7.83 2.72 -15.67
N VAL A 264 7.43 3.73 -14.90
CA VAL A 264 8.15 4.99 -14.89
C VAL A 264 9.56 4.80 -14.34
N LEU A 265 9.70 3.98 -13.28
CA LEU A 265 11.05 3.72 -12.76
C LEU A 265 11.95 3.08 -13.81
N ALA A 266 11.39 2.17 -14.63
CA ALA A 266 12.20 1.55 -15.68
C ALA A 266 12.73 2.59 -16.67
N MET A 267 11.87 3.54 -17.06
CA MET A 267 12.32 4.62 -17.93
C MET A 267 13.38 5.48 -17.25
N ILE A 268 13.23 5.76 -15.95
CA ILE A 268 14.21 6.59 -15.26
C ILE A 268 15.55 5.87 -15.19
N GLU A 269 15.53 4.58 -14.85
CA GLU A 269 16.79 3.83 -14.72
C GLU A 269 17.55 3.82 -16.04
N ASP A 270 16.82 3.73 -17.15
CA ASP A 270 17.45 3.58 -18.45
C ASP A 270 17.76 4.94 -19.10
N GLY A 271 17.48 6.06 -18.44
CA GLY A 271 17.76 7.35 -19.04
C GLY A 271 16.91 7.65 -20.27
N PHE A 272 15.71 7.08 -20.33
CA PHE A 272 14.87 7.17 -21.52
C PHE A 272 14.15 8.50 -21.65
N LEU A 273 13.84 9.17 -20.54
CA LEU A 273 13.03 10.38 -20.57
C LEU A 273 13.91 11.57 -20.97
N SER A 274 13.68 12.12 -22.16
CA SER A 274 14.40 13.30 -22.60
C SER A 274 13.64 14.59 -22.31
N GLN A 275 12.33 14.54 -22.16
CA GLN A 275 11.55 15.72 -21.83
C GLN A 275 11.81 16.15 -20.39
N ASP A 276 11.47 17.40 -20.11
CA ASP A 276 11.44 17.91 -18.74
C ASP A 276 9.98 18.11 -18.37
N PHE A 277 9.49 17.32 -17.42
CA PHE A 277 8.11 17.43 -16.98
C PHE A 277 7.94 18.31 -15.75
N SER A 278 9.02 18.98 -15.31
CA SER A 278 8.99 19.76 -14.07
C SER A 278 7.91 20.84 -14.11
N VAL A 279 7.28 21.04 -12.96
CA VAL A 279 6.16 21.98 -12.84
C VAL A 279 6.52 23.03 -11.80
N GLU A 280 5.92 24.21 -11.97
CA GLU A 280 6.09 25.26 -10.98
C GLU A 280 5.34 24.89 -9.71
N SER A 281 5.99 25.15 -8.57
CA SER A 281 5.41 24.94 -7.25
C SER A 281 4.75 23.58 -7.12
N PRO A 282 5.52 22.49 -7.22
CA PRO A 282 4.90 21.16 -7.21
C PRO A 282 4.09 20.84 -5.95
N VAL A 283 4.45 21.38 -4.79
CA VAL A 283 3.66 21.10 -3.59
C VAL A 283 2.30 21.79 -3.71
N GLY A 284 2.30 23.05 -4.14
CA GLY A 284 1.03 23.71 -4.40
C GLY A 284 0.21 23.02 -5.46
N ALA A 285 0.88 22.51 -6.50
CA ALA A 285 0.18 21.79 -7.56
C ALA A 285 -0.44 20.50 -7.05
N LEU A 286 0.28 19.76 -6.19
CA LEU A 286 -0.25 18.52 -5.63
C LEU A 286 -1.58 18.76 -4.94
N ARG A 287 -1.65 19.83 -4.13
CA ARG A 287 -2.88 20.14 -3.41
C ARG A 287 -3.94 20.67 -4.35
N ALA A 288 -3.55 21.49 -5.34
CA ALA A 288 -4.55 22.04 -6.25
C ALA A 288 -5.17 20.94 -7.12
N VAL A 289 -4.36 19.97 -7.54
CA VAL A 289 -4.90 18.84 -8.28
C VAL A 289 -5.88 18.08 -7.40
N SER A 290 -5.52 17.84 -6.14
CA SER A 290 -6.40 17.08 -5.25
C SER A 290 -7.70 17.81 -5.05
N HIS A 291 -7.64 19.13 -4.88
CA HIS A 291 -8.82 19.92 -4.57
C HIS A 291 -9.72 20.17 -5.75
N ASP A 292 -9.39 19.71 -6.95
CA ASP A 292 -10.26 19.87 -8.12
C ASP A 292 -10.69 18.51 -8.68
N PRO A 293 -11.73 17.91 -8.11
CA PRO A 293 -12.22 16.63 -8.63
C PRO A 293 -12.88 16.72 -10.01
N THR A 294 -13.07 17.91 -10.57
CA THR A 294 -13.51 18.01 -11.97
C THR A 294 -12.37 17.78 -12.95
N LEU A 295 -11.12 17.75 -12.46
CA LEU A 295 -9.96 17.34 -13.27
C LEU A 295 -9.61 18.37 -14.34
N ARG A 296 -9.92 19.63 -14.09
CA ARG A 296 -9.68 20.71 -15.05
C ARG A 296 -8.48 21.58 -14.69
N TYR A 297 -8.03 21.55 -13.43
CA TYR A 297 -6.91 22.38 -13.00
C TYR A 297 -5.68 22.13 -13.86
N GLN A 298 -5.03 23.20 -14.30
CA GLN A 298 -3.89 23.11 -15.20
C GLN A 298 -2.58 23.34 -14.44
N LEU A 299 -1.68 22.37 -14.52
CA LEU A 299 -0.31 22.57 -14.05
C LEU A 299 0.47 23.45 -15.02
N ARG A 300 1.40 24.21 -14.48
CA ARG A 300 2.27 25.09 -15.26
C ARG A 300 3.64 24.45 -15.32
N LEU A 301 4.01 23.90 -16.46
CA LEU A 301 5.30 23.27 -16.61
C LEU A 301 6.39 24.32 -16.81
N HIS A 302 7.61 23.98 -16.41
CA HIS A 302 8.74 24.90 -16.59
C HIS A 302 9.01 25.17 -18.06
N ASP A 303 8.68 24.23 -18.94
CA ASP A 303 8.93 24.46 -20.36
C ASP A 303 7.86 25.31 -21.01
N GLY A 304 6.90 25.82 -20.25
CA GLY A 304 5.88 26.72 -20.74
C GLY A 304 4.50 26.11 -20.93
N ARG A 305 4.41 24.78 -21.00
CA ARG A 305 3.15 24.13 -21.27
C ARG A 305 2.19 24.26 -20.09
N ARG A 306 0.90 24.18 -20.41
CA ARG A 306 -0.20 24.11 -19.44
C ARG A 306 -0.96 22.83 -19.68
N LEU A 307 -0.87 21.89 -18.73
CA LEU A 307 -1.49 20.58 -18.87
C LEU A 307 -2.28 20.27 -17.60
N THR A 308 -3.44 19.66 -17.76
CA THR A 308 -4.13 19.10 -16.60
C THR A 308 -3.35 17.90 -16.08
N ALA A 309 -3.70 17.44 -14.87
CA ALA A 309 -3.05 16.24 -14.34
C ALA A 309 -3.28 15.03 -15.23
N VAL A 310 -4.49 14.89 -15.78
CA VAL A 310 -4.77 13.79 -16.69
C VAL A 310 -3.91 13.89 -17.94
N GLN A 311 -3.75 15.11 -18.46
CA GLN A 311 -2.92 15.30 -19.66
C GLN A 311 -1.46 14.98 -19.39
N LEU A 312 -0.95 15.38 -18.22
CA LEU A 312 0.45 15.06 -17.91
C LEU A 312 0.62 13.56 -17.74
N GLN A 313 -0.36 12.89 -17.11
CA GLN A 313 -0.30 11.43 -17.01
C GLN A 313 -0.28 10.79 -18.39
N MET A 314 -1.05 11.33 -19.35
CA MET A 314 -1.02 10.77 -20.69
CA MET A 314 -1.02 10.80 -20.71
C MET A 314 0.36 10.91 -21.33
N GLU A 315 1.10 11.98 -21.00
CA GLU A 315 2.47 12.11 -21.51
C GLU A 315 3.39 11.03 -20.95
N TYR A 316 3.27 10.72 -19.64
CA TYR A 316 4.06 9.60 -19.10
C TYR A 316 3.66 8.29 -19.74
N LEU A 317 2.35 8.07 -19.95
CA LEU A 317 1.90 6.83 -20.56
C LEU A 317 2.47 6.69 -21.98
N GLU A 318 2.45 7.78 -22.76
CA GLU A 318 2.96 7.69 -24.13
C GLU A 318 4.44 7.36 -24.13
N GLN A 319 5.21 7.94 -23.20
CA GLN A 319 6.63 7.57 -23.12
C GLN A 319 6.80 6.11 -22.70
N ALA A 320 5.98 5.64 -21.75
CA ALA A 320 6.09 4.24 -21.34
C ALA A 320 5.80 3.31 -22.50
N ARG A 321 4.81 3.65 -23.32
CA ARG A 321 4.52 2.83 -24.51
C ARG A 321 5.72 2.81 -25.47
N LYS A 322 6.31 3.98 -25.75
CA LYS A 322 7.47 4.03 -26.64
C LYS A 322 8.62 3.23 -26.05
N TYR A 323 8.83 3.34 -24.73
CA TYR A 323 9.91 2.62 -24.09
C TYR A 323 9.76 1.11 -24.24
N VAL A 324 8.56 0.58 -23.98
CA VAL A 324 8.34 -0.86 -24.06
C VAL A 324 8.45 -1.34 -25.50
N GLU A 325 7.91 -0.58 -26.46
CA GLU A 325 8.04 -0.92 -27.88
C GLU A 325 9.51 -0.93 -28.30
N ASP A 326 10.25 0.11 -27.91
CA ASP A 326 11.67 0.22 -28.30
C ASP A 326 12.49 -0.89 -27.70
N ARG A 327 12.23 -1.22 -26.44
CA ARG A 327 13.12 -2.14 -25.73
C ARG A 327 12.78 -3.58 -26.03
N PHE A 328 11.50 -3.92 -26.08
CA PHE A 328 11.06 -5.30 -26.10
C PHE A 328 10.40 -5.72 -27.40
N GLY A 329 9.79 -4.77 -28.12
CA GLY A 329 9.06 -5.11 -29.32
C GLY A 329 8.04 -6.20 -29.02
N THR A 330 8.21 -7.36 -29.64
CA THR A 330 7.27 -8.46 -29.48
C THR A 330 7.55 -9.32 -28.25
N ASP A 331 8.72 -9.17 -27.63
CA ASP A 331 9.06 -9.83 -26.37
C ASP A 331 8.33 -9.25 -25.18
N VAL A 332 7.34 -8.37 -25.32
CA VAL A 332 6.70 -7.75 -24.17
C VAL A 332 5.77 -8.75 -23.49
N ASP A 333 5.84 -8.82 -22.17
CA ASP A 333 5.03 -9.76 -21.41
C ASP A 333 3.60 -9.25 -21.22
N ASP A 334 2.70 -10.20 -20.94
CA ASP A 334 1.28 -9.88 -20.86
C ASP A 334 0.97 -8.88 -19.76
N MET A 335 1.67 -8.96 -18.62
CA MET A 335 1.33 -8.05 -17.53
C MET A 335 1.72 -6.61 -17.86
N THR A 336 2.90 -6.41 -18.46
CA THR A 336 3.27 -5.07 -18.89
C THR A 336 2.26 -4.51 -19.87
N ARG A 337 1.86 -5.34 -20.84
CA ARG A 337 0.81 -4.94 -21.77
C ARG A 337 -0.49 -4.60 -21.05
N ASP A 338 -0.86 -5.39 -20.04
CA ASP A 338 -2.09 -5.13 -19.32
C ASP A 338 -2.03 -3.82 -18.53
N VAL A 339 -0.89 -3.53 -17.87
CA VAL A 339 -0.77 -2.28 -17.13
C VAL A 339 -0.89 -1.09 -18.08
N LEU A 340 -0.20 -1.15 -19.22
CA LEU A 340 -0.27 -0.05 -20.18
C LEU A 340 -1.70 0.15 -20.68
N ASP A 341 -2.40 -0.93 -21.00
CA ASP A 341 -3.77 -0.81 -21.51
C ASP A 341 -4.70 -0.24 -20.45
N ARG A 342 -4.60 -0.71 -19.20
CA ARG A 342 -5.47 -0.19 -18.16
C ARG A 342 -5.13 1.25 -17.80
N TRP A 343 -3.85 1.61 -17.80
CA TRP A 343 -3.47 3.00 -17.58
C TRP A 343 -4.10 3.91 -18.62
N GLU A 344 -3.94 3.56 -19.90
CA GLU A 344 -4.45 4.40 -20.99
C GLU A 344 -5.98 4.49 -20.94
N THR A 345 -6.65 3.34 -20.82
CA THR A 345 -8.10 3.31 -20.74
C THR A 345 -8.61 4.14 -19.58
N THR A 346 -7.96 4.05 -18.42
CA THR A 346 -8.40 4.85 -17.29
C THR A 346 -8.24 6.34 -17.56
N LEU A 347 -7.12 6.75 -18.18
CA LEU A 347 -6.91 8.17 -18.43
C LEU A 347 -7.92 8.70 -19.46
N VAL A 348 -8.23 7.89 -20.47
CA VAL A 348 -9.20 8.31 -21.49
C VAL A 348 -10.57 8.49 -20.85
N ARG A 349 -10.94 7.57 -19.96
CA ARG A 349 -12.24 7.66 -19.33
C ARG A 349 -12.31 8.81 -18.32
N LEU A 350 -11.19 9.10 -17.63
CA LEU A 350 -11.14 10.24 -16.72
C LEU A 350 -11.36 11.55 -17.48
N ALA A 351 -10.82 11.65 -18.69
CA ALA A 351 -10.95 12.89 -19.44
C ALA A 351 -12.33 13.03 -20.06
N ASP A 352 -12.96 11.91 -20.37
CA ASP A 352 -14.31 11.92 -20.93
C ASP A 352 -15.36 12.16 -19.84
N ASP A 353 -15.43 11.24 -18.87
CA ASP A 353 -16.42 11.32 -17.80
C ASP A 353 -15.97 10.46 -16.64
N PRO A 354 -15.38 11.04 -15.59
CA PRO A 354 -14.79 10.22 -14.53
C PRO A 354 -15.78 9.30 -13.85
N MET A 355 -17.08 9.61 -13.84
CA MET A 355 -18.01 8.78 -13.09
C MET A 355 -18.23 7.42 -13.73
N GLN A 356 -17.79 7.21 -14.97
CA GLN A 356 -17.85 5.87 -15.53
C GLN A 356 -16.83 4.92 -14.92
N LEU A 357 -15.93 5.42 -14.08
CA LEU A 357 -14.93 4.58 -13.41
C LEU A 357 -15.34 4.21 -11.99
N SER A 358 -16.64 4.28 -11.67
CA SER A 358 -17.11 4.02 -10.32
C SER A 358 -16.93 2.57 -9.87
N ARG A 359 -16.65 1.64 -10.79
CA ARG A 359 -16.34 0.25 -10.46
C ARG A 359 -14.83 -0.02 -10.33
N ASP A 360 -14.00 0.98 -10.61
CA ASP A 360 -12.56 0.78 -10.69
C ASP A 360 -11.74 1.62 -9.72
N LEU A 361 -12.13 2.87 -9.48
CA LEU A 361 -11.30 3.80 -8.71
C LEU A 361 -11.97 4.12 -7.38
N ASP A 362 -11.19 4.18 -6.31
CA ASP A 362 -11.78 4.43 -4.98
C ASP A 362 -12.44 5.80 -4.90
N TRP A 363 -11.75 6.86 -5.36
CA TRP A 363 -12.35 8.17 -5.17
C TRP A 363 -13.64 8.30 -5.95
N VAL A 364 -13.73 7.64 -7.11
CA VAL A 364 -14.94 7.70 -7.92
C VAL A 364 -16.06 6.88 -7.28
N ALA A 365 -15.73 5.67 -6.83
CA ALA A 365 -16.74 4.86 -6.15
C ALA A 365 -17.26 5.55 -4.91
N LYS A 366 -16.36 6.14 -4.12
CA LYS A 366 -16.77 6.88 -2.92
C LYS A 366 -17.59 8.12 -3.29
N LEU A 367 -17.14 8.88 -4.30
CA LEU A 367 -17.88 10.07 -4.69
C LEU A 367 -19.28 9.71 -5.18
N SER A 368 -19.41 8.55 -5.82
CA SER A 368 -20.71 8.11 -6.31
C SER A 368 -21.70 7.92 -5.17
N ILE A 369 -21.27 7.31 -4.07
CA ILE A 369 -22.10 7.21 -2.87
C ILE A 369 -22.38 8.58 -2.29
N LEU A 370 -21.33 9.40 -2.17
CA LEU A 370 -21.45 10.71 -1.54
C LEU A 370 -22.46 11.59 -2.27
N GLU A 371 -22.35 11.66 -3.60
CA GLU A 371 -23.26 12.49 -4.36
C GLU A 371 -24.67 11.91 -4.35
N GLY A 372 -24.78 10.59 -4.28
CA GLY A 372 -26.09 9.97 -4.11
C GLY A 372 -26.82 10.48 -2.89
N TYR A 373 -26.13 10.53 -1.74
CA TYR A 373 -26.76 11.04 -0.54
C TYR A 373 -26.98 12.54 -0.62
N ARG A 374 -26.05 13.26 -1.26
CA ARG A 374 -26.23 14.70 -1.38
C ARG A 374 -27.47 15.03 -2.18
N GLN A 375 -27.77 14.24 -3.22
CA GLN A 375 -28.96 14.49 -4.01
C GLN A 375 -30.21 13.97 -3.30
N ARG A 376 -30.11 12.78 -2.70
CA ARG A 376 -31.27 12.19 -2.05
CA ARG A 376 -31.26 12.18 -2.03
C ARG A 376 -31.72 13.00 -0.84
N GLU A 377 -30.79 13.57 -0.08
CA GLU A 377 -31.13 14.24 1.17
C GLU A 377 -30.70 15.70 1.23
N ASN A 378 -30.25 16.27 0.11
CA ASN A 378 -29.92 17.70 0.03
C ASN A 378 -28.88 18.10 1.08
N LEU A 379 -27.76 17.36 1.10
CA LEU A 379 -26.78 17.60 2.16
C LEU A 379 -25.66 18.52 1.69
N PRO A 380 -25.25 19.48 2.51
CA PRO A 380 -24.03 20.23 2.22
C PRO A 380 -22.80 19.35 2.43
N TRP A 381 -21.67 19.78 1.87
CA TRP A 381 -20.45 18.98 1.98
C TRP A 381 -19.96 18.87 3.42
N SER A 382 -20.51 19.66 4.34
CA SER A 382 -20.13 19.62 5.75
C SER A 382 -20.95 18.63 6.58
N ALA A 383 -21.88 17.90 5.96
CA ALA A 383 -22.76 17.00 6.69
C ALA A 383 -21.97 15.85 7.31
N HIS A 384 -22.31 15.50 8.55
CA HIS A 384 -21.58 14.44 9.24
C HIS A 384 -21.77 13.08 8.58
N LYS A 385 -22.93 12.86 7.95
CA LYS A 385 -23.12 11.60 7.24
C LYS A 385 -22.10 11.43 6.12
N LEU A 386 -21.71 12.53 5.47
CA LEU A 386 -20.73 12.41 4.39
C LEU A 386 -19.35 12.07 4.95
N GLN A 387 -19.00 12.63 6.12
CA GLN A 387 -17.76 12.24 6.80
C GLN A 387 -17.78 10.76 7.16
N LEU A 388 -18.94 10.27 7.59
CA LEU A 388 -19.03 8.87 7.98
C LEU A 388 -18.83 7.95 6.77
N VAL A 389 -19.41 8.32 5.63
CA VAL A 389 -19.21 7.51 4.42
C VAL A 389 -17.74 7.48 4.04
N ASP A 390 -17.08 8.64 4.13
CA ASP A 390 -15.65 8.78 3.77
C ASP A 390 -14.80 7.83 4.58
N LEU A 391 -15.09 7.67 5.87
CA LEU A 391 -14.29 6.81 6.73
CA LEU A 391 -14.30 6.80 6.73
C LEU A 391 -14.72 5.35 6.63
N GLN A 392 -16.03 5.08 6.73
CA GLN A 392 -16.49 3.71 6.74
C GLN A 392 -16.25 2.97 5.42
N TYR A 393 -16.01 3.72 4.33
CA TYR A 393 -15.61 3.08 3.07
C TYR A 393 -14.44 2.13 3.30
N HIS A 394 -13.54 2.47 4.23
CA HIS A 394 -12.28 1.76 4.45
C HIS A 394 -12.31 0.78 5.61
N ASP A 395 -13.45 0.60 6.26
CA ASP A 395 -13.59 -0.37 7.35
C ASP A 395 -13.33 -1.79 6.84
N VAL A 396 -12.46 -2.54 7.54
CA VAL A 396 -12.08 -3.85 7.04
C VAL A 396 -13.16 -4.92 7.22
N ARG A 397 -14.22 -4.65 7.97
CA ARG A 397 -15.23 -5.66 8.19
C ARG A 397 -15.95 -6.01 6.87
N PRO A 398 -16.12 -7.30 6.58
CA PRO A 398 -16.83 -7.67 5.34
C PRO A 398 -18.28 -7.28 5.35
N ASP A 399 -18.89 -7.18 6.54
CA ASP A 399 -20.30 -6.89 6.69
C ASP A 399 -20.61 -5.41 6.90
N ARG A 400 -19.62 -4.57 7.20
CA ARG A 400 -19.92 -3.17 7.50
C ARG A 400 -19.11 -2.19 6.64
N GLY A 401 -17.93 -2.58 6.14
CA GLY A 401 -17.15 -1.64 5.35
C GLY A 401 -17.82 -1.40 4.00
N LEU A 402 -17.86 -0.14 3.59
CA LEU A 402 -18.69 0.20 2.43
C LEU A 402 -18.07 -0.31 1.13
N TYR A 403 -16.74 -0.24 0.98
CA TYR A 403 -16.13 -0.88 -0.17
C TYR A 403 -16.46 -2.37 -0.17
N ASN A 404 -16.40 -3.00 1.00
CA ASN A 404 -16.69 -4.42 1.04
C ASN A 404 -18.14 -4.70 0.70
N ARG A 405 -19.06 -3.79 1.02
CA ARG A 405 -20.46 -3.98 0.63
C ARG A 405 -20.62 -3.80 -0.88
N LEU A 406 -19.88 -2.87 -1.48
CA LEU A 406 -19.91 -2.73 -2.93
C LEU A 406 -19.47 -4.01 -3.62
N VAL A 407 -18.39 -4.64 -3.12
CA VAL A 407 -17.93 -5.90 -3.71
C VAL A 407 -18.99 -6.99 -3.55
N ALA A 408 -19.59 -7.09 -2.37
CA ALA A 408 -20.57 -8.13 -2.10
C ALA A 408 -21.76 -8.02 -3.03
N ARG A 409 -22.12 -6.81 -3.42
CA ARG A 409 -23.24 -6.60 -4.34
C ARG A 409 -22.79 -6.53 -5.80
N GLY A 410 -21.55 -6.93 -6.08
CA GLY A 410 -21.08 -7.04 -7.46
C GLY A 410 -20.84 -5.71 -8.14
N ARG A 411 -20.52 -4.66 -7.37
CA ARG A 411 -20.43 -3.32 -7.93
C ARG A 411 -19.01 -2.78 -7.98
N MET A 412 -18.01 -3.65 -7.81
CA MET A 412 -16.62 -3.26 -7.99
C MET A 412 -15.92 -4.32 -8.81
N ASN A 413 -15.11 -3.89 -9.77
CA ASN A 413 -14.28 -4.82 -10.50
C ASN A 413 -13.12 -5.31 -9.65
N LEU A 414 -12.85 -6.60 -9.73
CA LEU A 414 -11.76 -7.25 -9.00
C LEU A 414 -10.66 -7.66 -9.96
N LEU A 415 -9.44 -7.76 -9.43
CA LEU A 415 -8.30 -8.25 -10.19
C LEU A 415 -7.90 -9.67 -9.81
N VAL A 416 -8.12 -10.05 -8.55
CA VAL A 416 -7.78 -11.39 -8.07
C VAL A 416 -9.05 -11.98 -7.45
N ASP A 417 -9.01 -13.27 -7.20
CA ASP A 417 -10.18 -13.93 -6.65
C ASP A 417 -9.93 -14.33 -5.20
N GLU A 418 -11.02 -14.42 -4.45
CA GLU A 418 -10.90 -14.54 -3.00
C GLU A 418 -10.15 -15.81 -2.58
N ALA A 419 -10.29 -16.91 -3.32
CA ALA A 419 -9.55 -18.11 -2.95
C ALA A 419 -8.04 -17.88 -2.99
N ALA A 420 -7.56 -17.08 -3.95
CA ALA A 420 -6.14 -16.79 -4.01
C ALA A 420 -5.71 -15.86 -2.88
N VAL A 421 -6.57 -14.91 -2.54
CA VAL A 421 -6.31 -14.01 -1.40
C VAL A 421 -6.16 -14.82 -0.11
N ARG A 422 -7.08 -15.77 0.12
CA ARG A 422 -7.01 -16.58 1.33
C ARG A 422 -5.73 -17.40 1.38
N THR A 423 -5.32 -17.98 0.26
CA THR A 423 -4.05 -18.72 0.22
C THR A 423 -2.88 -17.80 0.52
N ALA A 424 -2.93 -16.57 0.02
CA ALA A 424 -1.81 -15.64 0.22
C ALA A 424 -1.72 -15.17 1.66
N MET A 425 -2.77 -15.37 2.47
CA MET A 425 -2.64 -15.07 3.90
C MET A 425 -1.61 -15.98 4.57
N HIS A 426 -1.43 -17.20 4.03
CA HIS A 426 -0.59 -18.18 4.70
C HIS A 426 0.60 -18.65 3.89
N GLU A 427 0.61 -18.44 2.58
CA GLU A 427 1.73 -18.93 1.78
C GLU A 427 2.45 -17.76 1.12
N PRO A 428 3.79 -17.84 1.03
CA PRO A 428 4.57 -16.73 0.47
C PRO A 428 4.60 -16.77 -1.05
N PRO A 429 5.03 -15.69 -1.68
CA PRO A 429 5.34 -15.75 -3.12
C PRO A 429 6.45 -16.75 -3.38
N ASN A 430 6.42 -17.34 -4.58
CA ASN A 430 7.39 -18.37 -4.94
C ASN A 430 8.70 -17.83 -5.48
N ASP A 431 8.75 -16.54 -5.87
CA ASP A 431 9.84 -16.05 -6.69
C ASP A 431 10.66 -14.95 -6.01
N THR A 432 10.60 -14.85 -4.67
CA THR A 432 11.51 -14.01 -3.91
C THR A 432 11.98 -14.76 -2.68
N ARG A 433 12.92 -14.14 -1.96
CA ARG A 433 13.41 -14.72 -0.72
C ARG A 433 12.31 -14.85 0.34
N ALA A 434 11.14 -14.20 0.16
CA ALA A 434 10.02 -14.45 1.07
C ALA A 434 9.60 -15.91 1.07
N TYR A 435 9.89 -16.65 -0.01
CA TYR A 435 9.57 -18.07 -0.05
C TYR A 435 10.28 -18.83 1.08
N PHE A 436 11.60 -18.67 1.17
CA PHE A 436 12.36 -19.33 2.22
C PHE A 436 11.88 -18.87 3.59
N ARG A 437 11.69 -17.56 3.76
CA ARG A 437 11.29 -17.04 5.08
C ARG A 437 9.95 -17.63 5.51
N GLY A 438 8.94 -17.57 4.65
CA GLY A 438 7.62 -18.04 5.03
C GLY A 438 7.54 -19.55 5.17
N ARG A 439 8.25 -20.27 4.30
CA ARG A 439 8.16 -21.73 4.35
C ARG A 439 8.88 -22.28 5.58
N CYS A 440 10.00 -21.66 5.95
CA CYS A 440 10.69 -22.03 7.19
C CYS A 440 9.78 -21.84 8.40
N LEU A 441 9.10 -20.70 8.44
CA LEU A 441 8.22 -20.42 9.56
C LEU A 441 7.09 -21.42 9.63
N ALA A 442 6.57 -21.83 8.48
CA ALA A 442 5.47 -22.80 8.48
C ALA A 442 5.95 -24.17 8.92
N LYS A 443 7.13 -24.57 8.47
CA LYS A 443 7.61 -25.94 8.67
C LYS A 443 8.44 -26.11 9.94
N PHE A 444 9.24 -25.12 10.31
CA PHE A 444 10.16 -25.20 11.43
C PHE A 444 9.94 -24.06 12.41
N GLY A 445 8.67 -23.65 12.58
CA GLY A 445 8.38 -22.46 13.38
C GLY A 445 8.95 -22.53 14.78
N ALA A 446 8.84 -23.70 15.43
CA ALA A 446 9.33 -23.84 16.79
C ALA A 446 10.81 -23.50 16.93
N GLU A 447 11.59 -23.71 15.88
CA GLU A 447 13.03 -23.55 15.95
C GLU A 447 13.53 -22.28 15.26
N ILE A 448 12.64 -21.34 14.95
CA ILE A 448 13.01 -20.04 14.42
C ILE A 448 13.06 -19.06 15.58
N ALA A 449 14.26 -18.58 15.91
CA ALA A 449 14.36 -17.60 16.98
C ALA A 449 13.80 -16.24 16.53
N ALA A 450 14.17 -15.81 15.34
CA ALA A 450 13.67 -14.55 14.78
C ALA A 450 13.91 -14.56 13.28
N ALA A 451 13.35 -13.57 12.60
CA ALA A 451 13.56 -13.42 11.18
C ALA A 451 13.40 -11.95 10.82
N SER A 452 13.98 -11.59 9.68
CA SER A 452 13.86 -10.24 9.15
C SER A 452 13.89 -10.36 7.64
N TRP A 453 13.92 -9.21 6.94
CA TRP A 453 14.00 -9.26 5.49
C TRP A 453 15.28 -9.91 5.01
N ASP A 454 16.38 -9.79 5.77
CA ASP A 454 17.67 -10.25 5.24
C ASP A 454 18.29 -11.37 6.06
N SER A 455 17.55 -12.03 6.95
CA SER A 455 18.08 -13.23 7.60
C SER A 455 16.95 -14.01 8.27
N VAL A 456 17.24 -15.29 8.52
CA VAL A 456 16.42 -16.15 9.37
C VAL A 456 17.33 -16.71 10.46
N ILE A 457 16.91 -16.62 11.72
CA ILE A 457 17.72 -17.04 12.87
C ILE A 457 17.15 -18.34 13.43
N PHE A 458 17.94 -19.40 13.43
CA PHE A 458 17.51 -20.70 13.91
C PHE A 458 18.03 -20.93 15.33
N ASP A 459 17.21 -21.58 16.14
CA ASP A 459 17.61 -22.02 17.48
C ASP A 459 17.52 -23.55 17.47
N LEU A 460 18.66 -24.21 17.36
CA LEU A 460 18.58 -25.65 17.19
C LEU A 460 18.77 -26.37 18.51
N PRO A 461 18.07 -27.48 18.71
CA PRO A 461 18.21 -28.26 19.96
C PRO A 461 19.66 -28.69 20.18
N GLY A 462 20.18 -28.35 21.35
CA GLY A 462 21.52 -28.76 21.73
C GLY A 462 22.63 -27.81 21.36
N ARG A 463 22.31 -26.59 20.93
CA ARG A 463 23.32 -25.61 20.55
C ARG A 463 23.22 -24.39 21.46
N ASP A 464 24.36 -23.95 21.98
CA ASP A 464 24.43 -22.75 22.79
C ASP A 464 24.39 -21.46 21.97
N SER A 465 24.50 -21.56 20.65
CA SER A 465 24.55 -20.40 19.78
C SER A 465 23.42 -20.47 18.75
N LEU A 466 22.92 -19.29 18.38
CA LEU A 466 21.92 -19.19 17.34
C LEU A 466 22.59 -19.29 15.97
N GLN A 467 21.86 -19.86 15.01
CA GLN A 467 22.34 -20.03 13.64
C GLN A 467 21.65 -18.99 12.75
N ARG A 468 22.41 -17.98 12.32
CA ARG A 468 21.89 -16.94 11.44
C ARG A 468 22.14 -17.34 9.98
N VAL A 469 21.07 -17.51 9.22
CA VAL A 469 21.15 -17.78 7.79
C VAL A 469 20.85 -16.45 7.04
N PRO A 470 21.86 -15.81 6.47
CA PRO A 470 21.58 -14.56 5.73
C PRO A 470 20.85 -14.85 4.43
N THR A 471 19.88 -14.00 4.12
CA THR A 471 19.13 -14.07 2.87
C THR A 471 19.29 -12.72 2.17
N LEU A 472 20.49 -12.44 1.68
CA LEU A 472 20.80 -11.07 1.31
C LEU A 472 20.27 -10.66 -0.06
N GLU A 473 20.05 -11.60 -0.97
CA GLU A 473 19.57 -11.26 -2.31
CA GLU A 473 19.57 -11.26 -2.31
C GLU A 473 18.07 -11.45 -2.39
N PRO A 474 17.29 -10.42 -2.72
CA PRO A 474 15.83 -10.58 -2.78
C PRO A 474 15.36 -11.63 -3.79
N LEU A 475 16.12 -11.87 -4.86
CA LEU A 475 15.71 -12.82 -5.89
C LEU A 475 16.38 -14.18 -5.75
N ARG A 476 17.04 -14.45 -4.63
CA ARG A 476 17.43 -15.82 -4.31
C ARG A 476 16.58 -16.28 -3.13
N GLY A 477 16.89 -17.48 -2.62
CA GLY A 477 16.00 -18.08 -1.62
C GLY A 477 14.61 -18.33 -2.11
N THR A 478 14.42 -18.47 -3.44
CA THR A 478 13.12 -18.72 -4.03
C THR A 478 12.81 -20.21 -4.06
N ARG A 479 11.59 -20.54 -4.50
CA ARG A 479 11.22 -21.95 -4.63
C ARG A 479 12.18 -22.69 -5.55
N ALA A 480 12.56 -22.05 -6.65
CA ALA A 480 13.52 -22.66 -7.57
C ALA A 480 14.86 -22.92 -6.89
N HIS A 481 15.22 -22.15 -5.86
CA HIS A 481 16.50 -22.33 -5.19
C HIS A 481 16.45 -23.34 -4.04
N VAL A 482 15.45 -23.24 -3.16
CA VAL A 482 15.45 -23.99 -1.90
C VAL A 482 14.24 -24.88 -1.73
N GLY A 483 13.31 -24.89 -2.69
CA GLY A 483 12.05 -25.58 -2.48
C GLY A 483 12.20 -27.06 -2.29
N ASP A 484 13.02 -27.70 -3.12
CA ASP A 484 13.22 -29.14 -2.98
C ASP A 484 14.02 -29.48 -1.72
N LEU A 485 15.01 -28.65 -1.39
CA LEU A 485 15.77 -28.85 -0.17
C LEU A 485 14.85 -28.80 1.05
N LEU A 486 13.97 -27.80 1.11
CA LEU A 486 13.02 -27.72 2.21
C LEU A 486 12.09 -28.92 2.24
N ASP A 487 11.68 -29.40 1.07
CA ASP A 487 10.82 -30.59 1.00
C ASP A 487 11.52 -31.79 1.65
N ARG A 488 12.78 -32.00 1.32
CA ARG A 488 13.49 -33.19 1.79
C ARG A 488 13.90 -33.09 3.25
N CYS A 489 14.04 -31.89 3.80
CA CYS A 489 14.50 -31.74 5.17
C CYS A 489 13.36 -31.97 6.14
N ARG A 490 13.59 -32.81 7.15
CA ARG A 490 12.57 -33.15 8.12
C ARG A 490 12.74 -32.42 9.45
N SER A 491 13.88 -31.78 9.67
CA SER A 491 14.08 -30.97 10.86
C SER A 491 14.88 -29.74 10.50
N ALA A 492 14.79 -28.72 11.36
CA ALA A 492 15.59 -27.52 11.15
C ALA A 492 17.09 -27.81 11.29
N THR A 493 17.45 -28.81 12.10
CA THR A 493 18.86 -29.19 12.18
C THR A 493 19.36 -29.74 10.86
N GLU A 494 18.55 -30.57 10.19
CA GLU A 494 18.91 -31.08 8.88
C GLU A 494 19.03 -29.97 7.86
N LEU A 495 18.11 -29.00 7.91
CA LEU A 495 18.16 -27.89 6.96
C LEU A 495 19.41 -27.06 7.16
N VAL A 496 19.68 -26.63 8.39
CA VAL A 496 20.86 -25.80 8.66
C VAL A 496 22.12 -26.55 8.27
N ALA A 497 22.16 -27.87 8.50
CA ALA A 497 23.28 -28.68 8.06
C ALA A 497 23.45 -28.61 6.54
N ALA A 498 22.36 -28.82 5.80
CA ALA A 498 22.40 -28.80 4.33
C ALA A 498 22.73 -27.42 3.78
N LEU A 499 22.48 -26.35 4.54
CA LEU A 499 22.75 -25.00 4.07
C LEU A 499 24.13 -24.49 4.46
N THR A 500 24.81 -25.14 5.41
CA THR A 500 26.10 -24.63 5.88
C THR A 500 27.12 -24.64 4.75
N GLY A 501 27.82 -23.52 4.59
CA GLY A 501 28.74 -23.36 3.48
C GLY A 501 28.10 -23.20 2.12
N GLY A 502 26.78 -23.23 2.04
CA GLY A 502 26.10 -23.05 0.76
C GLY A 502 25.39 -21.72 0.67
N GLU A 503 25.79 -20.75 1.49
CA GLU A 503 25.12 -19.45 1.50
C GLU A 503 25.24 -18.77 0.15
N ASN A 504 26.42 -18.82 -0.46
CA ASN A 504 26.65 -18.20 -1.76
C ASN A 504 26.10 -19.04 -2.92
N LEU A 505 25.39 -20.12 -2.59
CA LEU A 505 24.62 -20.87 -3.57
C LEU A 505 23.14 -20.55 -3.48
N TYR A 506 22.56 -20.70 -2.29
CA TYR A 506 21.12 -20.61 -2.14
C TYR A 506 20.61 -19.18 -2.00
N PHE A 507 21.41 -18.28 -1.43
CA PHE A 507 20.90 -16.99 -0.94
C PHE A 507 21.63 -15.76 -1.42
N GLN A 508 22.85 -15.90 -1.94
CA GLN A 508 23.55 -14.74 -2.47
C GLN A 508 24.44 -15.23 -3.61
N ASP B 1 -32.04 4.84 -5.07
CA ASP B 1 -31.03 3.93 -5.59
C ASP B 1 -30.86 2.70 -4.68
N ALA B 2 -30.69 1.53 -5.30
CA ALA B 2 -30.67 0.28 -4.55
C ALA B 2 -29.46 0.19 -3.63
N ILE B 3 -28.29 0.58 -4.11
CA ILE B 3 -27.09 0.42 -3.30
C ILE B 3 -27.07 1.41 -2.15
N LEU B 4 -27.71 2.58 -2.31
CA LEU B 4 -27.80 3.51 -1.20
C LEU B 4 -28.62 2.94 -0.05
N ASP B 5 -29.56 2.04 -0.35
CA ASP B 5 -30.31 1.37 0.70
C ASP B 5 -29.45 0.34 1.42
N GLU B 6 -28.55 -0.33 0.70
CA GLU B 6 -27.62 -1.26 1.34
C GLU B 6 -26.63 -0.50 2.22
N ILE B 7 -26.12 0.65 1.76
CA ILE B 7 -25.23 1.45 2.59
C ILE B 7 -25.96 1.96 3.82
N ASP B 8 -27.20 2.43 3.65
CA ASP B 8 -28.00 2.88 4.79
C ASP B 8 -28.14 1.77 5.82
N ASP B 9 -28.19 0.51 5.38
CA ASP B 9 -28.40 -0.59 6.31
CA ASP B 9 -28.38 -0.63 6.27
C ASP B 9 -27.16 -0.92 7.14
N VAL B 10 -25.98 -0.49 6.72
CA VAL B 10 -24.75 -0.83 7.44
C VAL B 10 -24.04 0.35 8.09
N LEU B 11 -24.45 1.59 7.82
CA LEU B 11 -23.76 2.75 8.39
C LEU B 11 -23.74 2.69 9.91
N GLU B 12 -22.61 3.12 10.50
CA GLU B 12 -22.50 3.22 11.96
C GLU B 12 -23.66 4.01 12.55
N GLU B 13 -24.14 3.57 13.71
CA GLU B 13 -25.14 4.36 14.41
C GLU B 13 -24.50 5.63 14.99
N ASN B 14 -25.34 6.62 15.29
CA ASN B 14 -24.91 7.88 15.90
C ASN B 14 -23.77 8.50 15.10
N ALA B 15 -24.08 8.86 13.86
CA ALA B 15 -23.05 9.23 12.89
C ALA B 15 -22.22 10.42 13.37
N GLU B 16 -22.86 11.45 13.93
CA GLU B 16 -22.08 12.60 14.37
C GLU B 16 -21.14 12.22 15.51
N GLU B 17 -21.64 11.46 16.48
CA GLU B 17 -20.79 11.02 17.58
C GLU B 17 -19.63 10.18 17.07
N PHE B 18 -19.91 9.28 16.13
CA PHE B 18 -18.85 8.42 15.62
C PHE B 18 -17.77 9.22 14.91
N VAL B 19 -18.17 10.17 14.05
CA VAL B 19 -17.18 10.96 13.32
C VAL B 19 -16.35 11.82 14.27
N ARG B 20 -16.99 12.48 15.23
CA ARG B 20 -16.25 13.34 16.15
C ARG B 20 -15.27 12.55 17.01
N SER B 21 -15.59 11.29 17.30
CA SER B 21 -14.73 10.46 18.13
CA SER B 21 -14.75 10.44 18.12
C SER B 21 -13.62 9.76 17.34
N TYR B 22 -13.66 9.81 16.01
CA TYR B 22 -12.61 9.15 15.22
C TYR B 22 -11.40 10.07 15.22
N ILE B 23 -10.50 9.81 16.17
CA ILE B 23 -9.32 10.63 16.41
C ILE B 23 -8.11 9.71 16.45
N GLN B 24 -7.15 9.96 15.58
CA GLN B 24 -6.02 9.06 15.41
C GLN B 24 -4.72 9.75 15.81
N LYS B 25 -3.78 8.95 16.32
CA LYS B 25 -2.41 9.42 16.46
C LYS B 25 -1.76 9.51 15.08
N GLY B 26 -0.91 10.52 14.91
CA GLY B 26 -0.18 10.63 13.65
C GLY B 26 0.72 9.41 13.44
N GLY B 27 0.84 9.00 12.18
CA GLY B 27 1.74 7.93 11.82
C GLY B 27 2.72 8.43 10.78
N GLN B 28 3.07 7.57 9.83
CA GLN B 28 4.02 7.95 8.80
C GLN B 28 3.30 8.36 7.54
#